data_2XST
#
_entry.id   2XST
#
_cell.length_a   44.800
_cell.length_b   44.800
_cell.length_c   126.300
_cell.angle_alpha   90.00
_cell.angle_beta   90.00
_cell.angle_gamma   120.00
#
_symmetry.space_group_name_H-M   'P 61'
#
loop_
_entity.id
_entity.type
_entity.pdbx_description
1 polymer 'LIPOCALIN 15'
2 non-polymer 1,2-ETHANEDIOL
3 water water
#
_entity_poly.entity_id   1
_entity_poly.type   'polypeptide(L)'
_entity_poly.pdbx_seq_one_letter_code
;SMQAEVLLQPDFNAEKFSGLWYVVSMASDCRVFLGKKDHLSMSTRAIRPTEEGGLHVHMEFPGADGCNQVDAEYLKVGSE
GHFRVPALGYLDVRIVDTDYSSFAVLYIYKELEGALSTMVQLYSRTQDVSPQALKSFQDFYPTLGLPKDMMVMLPQSDAC
N
;
_entity_poly.pdbx_strand_id   A
#
# COMPACT_ATOMS: atom_id res chain seq x y z
N ALA A 4 8.59 15.30 -7.43
CA ALA A 4 8.13 13.93 -7.22
C ALA A 4 6.78 13.91 -6.45
N GLU A 5 5.82 14.76 -6.88
CA GLU A 5 4.50 14.99 -6.28
C GLU A 5 3.68 13.71 -6.03
N VAL A 6 3.12 13.55 -4.82
CA VAL A 6 2.24 12.42 -4.45
C VAL A 6 0.86 12.99 -4.16
N LEU A 7 0.00 13.03 -5.20
N LEU A 7 0.00 12.96 -5.19
CA LEU A 7 -1.35 13.58 -5.06
CA LEU A 7 -1.35 13.46 -5.12
C LEU A 7 -2.39 12.47 -4.89
C LEU A 7 -2.33 12.36 -4.79
N LEU A 8 -3.24 12.66 -3.88
CA LEU A 8 -4.33 11.77 -3.50
C LEU A 8 -5.28 11.61 -4.62
N GLN A 9 -5.81 10.42 -4.81
CA GLN A 9 -6.84 10.41 -5.84
C GLN A 9 -8.08 11.15 -5.26
N PRO A 10 -8.72 12.06 -6.05
CA PRO A 10 -9.87 12.79 -5.50
C PRO A 10 -11.06 11.89 -5.22
N ASP A 11 -11.96 12.40 -4.38
CA ASP A 11 -13.24 11.80 -3.98
C ASP A 11 -13.08 10.35 -3.50
N PHE A 12 -12.02 10.10 -2.67
CA PHE A 12 -11.80 8.73 -2.20
C PHE A 12 -13.02 8.22 -1.48
N ASN A 13 -13.44 6.99 -1.84
CA ASN A 13 -14.64 6.38 -1.28
C ASN A 13 -14.24 5.14 -0.46
N ALA A 14 -14.24 5.27 0.87
CA ALA A 14 -13.83 4.13 1.72
C ALA A 14 -14.73 2.91 1.57
N GLU A 15 -16.02 3.10 1.23
CA GLU A 15 -16.93 1.95 1.09
C GLU A 15 -16.58 1.16 -0.16
N LYS A 16 -16.23 1.85 -1.27
CA LYS A 16 -15.84 1.14 -2.48
C LYS A 16 -14.45 0.50 -2.35
N PHE A 17 -13.60 1.03 -1.43
CA PHE A 17 -12.25 0.53 -1.22
C PHE A 17 -12.24 -0.66 -0.28
N SER A 18 -13.39 -0.97 0.34
CA SER A 18 -13.47 -2.06 1.32
C SER A 18 -13.33 -3.44 0.61
N GLY A 19 -13.36 -4.50 1.38
CA GLY A 19 -13.22 -5.83 0.81
C GLY A 19 -11.79 -6.29 0.76
N LEU A 20 -11.55 -7.36 -0.02
CA LEU A 20 -10.26 -8.06 -0.08
C LEU A 20 -9.38 -7.56 -1.21
N TRP A 21 -8.12 -7.34 -0.86
CA TRP A 21 -7.05 -6.94 -1.75
C TRP A 21 -5.84 -7.81 -1.50
N TYR A 22 -5.04 -8.01 -2.53
CA TYR A 22 -3.74 -8.69 -2.46
C TYR A 22 -2.64 -7.69 -2.67
N VAL A 23 -1.61 -7.73 -1.84
CA VAL A 23 -0.42 -6.90 -2.06
C VAL A 23 0.43 -7.71 -3.04
N VAL A 24 0.55 -7.24 -4.28
CA VAL A 24 1.20 -7.99 -5.37
C VAL A 24 2.55 -7.42 -5.79
N SER A 25 2.81 -6.14 -5.49
N SER A 25 2.81 -6.16 -5.46
CA SER A 25 4.09 -5.49 -5.80
CA SER A 25 4.08 -5.51 -5.75
C SER A 25 4.42 -4.45 -4.73
C SER A 25 4.42 -4.47 -4.71
N MET A 26 5.73 -4.23 -4.49
CA MET A 26 6.20 -3.26 -3.50
C MET A 26 7.49 -2.62 -3.98
N ALA A 27 7.71 -1.36 -3.62
CA ALA A 27 8.95 -0.65 -3.92
C ALA A 27 9.25 0.24 -2.74
N SER A 28 10.48 0.18 -2.21
CA SER A 28 10.82 0.97 -1.02
C SER A 28 12.31 1.14 -0.84
N ASP A 29 12.71 2.25 -0.21
CA ASP A 29 14.10 2.48 0.15
C ASP A 29 14.38 2.06 1.61
N CYS A 30 13.40 1.43 2.28
CA CYS A 30 13.55 0.88 3.64
C CYS A 30 14.63 -0.23 3.60
N ARG A 31 15.73 -0.07 4.33
CA ARG A 31 16.82 -1.06 4.34
C ARG A 31 16.35 -2.43 4.84
N VAL A 32 15.32 -2.47 5.75
CA VAL A 32 14.80 -3.73 6.28
C VAL A 32 14.07 -4.47 5.15
N PHE A 33 13.19 -3.75 4.42
CA PHE A 33 12.51 -4.29 3.25
C PHE A 33 13.52 -4.78 2.22
N LEU A 34 14.55 -3.96 1.90
CA LEU A 34 15.51 -4.34 0.86
C LEU A 34 16.25 -5.64 1.21
N GLY A 35 16.51 -5.86 2.51
CA GLY A 35 17.19 -7.07 2.97
C GLY A 35 16.35 -8.34 2.83
N LYS A 36 15.02 -8.23 2.96
CA LYS A 36 14.13 -9.41 2.88
C LYS A 36 13.24 -9.45 1.60
N LYS A 37 13.40 -8.48 0.70
CA LYS A 37 12.68 -8.28 -0.58
C LYS A 37 12.34 -9.61 -1.31
N ASP A 38 13.36 -10.45 -1.56
CA ASP A 38 13.24 -11.70 -2.33
C ASP A 38 12.66 -12.86 -1.51
N HIS A 39 12.50 -12.70 -0.19
CA HIS A 39 11.95 -13.71 0.71
C HIS A 39 10.44 -13.44 0.98
N LEU A 40 9.95 -12.25 0.62
CA LEU A 40 8.54 -11.89 0.83
C LEU A 40 7.61 -12.58 -0.17
N SER A 41 6.36 -12.77 0.25
CA SER A 41 5.29 -13.35 -0.56
C SER A 41 4.09 -12.43 -0.53
N MET A 42 3.22 -12.63 -1.50
CA MET A 42 1.96 -11.92 -1.60
C MET A 42 1.19 -12.10 -0.29
N SER A 43 0.53 -11.03 0.17
CA SER A 43 -0.26 -11.08 1.40
C SER A 43 -1.60 -10.39 1.16
N THR A 44 -2.54 -10.54 2.10
CA THR A 44 -3.87 -9.96 1.89
C THR A 44 -4.12 -8.80 2.84
N ARG A 45 -5.06 -7.94 2.43
CA ARG A 45 -5.56 -6.77 3.17
C ARG A 45 -7.06 -6.82 3.01
N ALA A 46 -7.80 -7.12 4.10
CA ALA A 46 -9.26 -7.24 4.07
C ALA A 46 -9.80 -6.05 4.85
N ILE A 47 -10.51 -5.17 4.15
CA ILE A 47 -10.80 -3.85 4.66
C ILE A 47 -12.27 -3.62 4.94
N ARG A 48 -12.54 -2.88 6.02
CA ARG A 48 -13.91 -2.47 6.31
C ARG A 48 -13.85 -0.99 6.71
N PRO A 49 -14.88 -0.20 6.38
CA PRO A 49 -14.78 1.23 6.67
C PRO A 49 -15.22 1.51 8.09
N THR A 50 -14.56 2.47 8.72
CA THR A 50 -14.92 2.79 10.10
C THR A 50 -15.56 4.18 10.14
N GLU A 51 -15.96 4.61 11.35
CA GLU A 51 -16.48 5.96 11.56
C GLU A 51 -15.31 6.94 11.38
N GLU A 52 -15.62 8.20 11.04
CA GLU A 52 -14.64 9.27 10.83
C GLU A 52 -13.70 8.96 9.65
N GLY A 53 -14.24 8.34 8.61
CA GLY A 53 -13.57 8.05 7.37
C GLY A 53 -12.30 7.22 7.42
N GLY A 54 -12.15 6.38 8.43
CA GLY A 54 -10.97 5.53 8.51
C GLY A 54 -11.25 4.15 7.93
N LEU A 55 -10.24 3.29 8.02
CA LEU A 55 -10.33 1.89 7.58
C LEU A 55 -9.86 1.00 8.68
N HIS A 56 -10.46 -0.19 8.79
CA HIS A 56 -9.98 -1.26 9.65
C HIS A 56 -9.46 -2.31 8.70
N VAL A 57 -8.16 -2.62 8.82
CA VAL A 57 -7.51 -3.52 7.87
C VAL A 57 -7.05 -4.80 8.55
N HIS A 58 -7.64 -5.93 8.12
CA HIS A 58 -7.24 -7.28 8.57
C HIS A 58 -6.16 -7.78 7.63
N MET A 59 -4.89 -7.79 8.07
CA MET A 59 -3.76 -8.25 7.25
C MET A 59 -3.52 -9.74 7.50
N GLU A 60 -3.17 -10.50 6.45
CA GLU A 60 -2.87 -11.91 6.59
C GLU A 60 -1.64 -12.20 5.76
N PHE A 61 -0.66 -12.91 6.35
CA PHE A 61 0.62 -13.22 5.72
C PHE A 61 0.82 -14.75 5.66
N PRO A 62 0.25 -15.42 4.63
CA PRO A 62 0.41 -16.89 4.54
C PRO A 62 1.82 -17.32 4.11
N ASN A 68 0.67 -15.37 9.79
CA ASN A 68 0.33 -14.47 10.90
C ASN A 68 -0.80 -13.51 10.48
N GLN A 69 -1.52 -12.98 11.46
N GLN A 69 -1.55 -12.98 11.46
CA GLN A 69 -2.64 -12.06 11.27
CA GLN A 69 -2.64 -12.06 11.24
C GLN A 69 -2.43 -10.80 12.12
C GLN A 69 -2.43 -10.81 12.11
N VAL A 70 -2.41 -9.64 11.46
CA VAL A 70 -2.22 -8.33 12.07
C VAL A 70 -3.39 -7.47 11.71
N ASP A 71 -3.98 -6.79 12.69
CA ASP A 71 -5.03 -5.82 12.39
C ASP A 71 -4.43 -4.44 12.48
N ALA A 72 -4.91 -3.50 11.68
CA ALA A 72 -4.41 -2.12 11.76
C ALA A 72 -5.54 -1.14 11.48
N GLU A 73 -5.62 -0.07 12.28
CA GLU A 73 -6.59 0.99 12.06
C GLU A 73 -5.91 2.13 11.29
N TYR A 74 -6.44 2.43 10.10
CA TYR A 74 -5.98 3.52 9.23
C TYR A 74 -6.82 4.72 9.60
N LEU A 75 -6.19 5.70 10.25
CA LEU A 75 -6.87 6.86 10.75
C LEU A 75 -6.83 7.97 9.75
N LYS A 76 -7.98 8.59 9.50
CA LYS A 76 -8.05 9.70 8.53
C LYS A 76 -7.21 10.89 9.00
N VAL A 77 -6.48 11.48 8.02
CA VAL A 77 -5.65 12.65 8.29
C VAL A 77 -6.30 13.91 7.67
N GLY A 78 -5.78 14.42 6.56
CA GLY A 78 -6.20 15.68 5.97
C GLY A 78 -7.45 15.66 5.11
N SER A 79 -7.78 14.48 4.57
CA SER A 79 -8.94 14.29 3.72
C SER A 79 -9.12 12.80 3.49
N GLU A 80 -10.21 12.46 2.81
CA GLU A 80 -10.51 11.07 2.52
C GLU A 80 -9.38 10.46 1.69
N GLY A 81 -8.97 9.25 2.07
CA GLY A 81 -7.89 8.55 1.37
C GLY A 81 -6.50 8.86 1.90
N HIS A 82 -6.39 9.74 2.91
CA HIS A 82 -5.12 10.18 3.52
C HIS A 82 -5.14 9.65 4.94
N PHE A 83 -4.23 8.76 5.28
CA PHE A 83 -4.26 8.10 6.59
C PHE A 83 -2.94 8.11 7.33
N ARG A 84 -2.99 7.76 8.63
CA ARG A 84 -1.82 7.44 9.45
C ARG A 84 -2.15 6.14 10.16
N VAL A 85 -1.13 5.31 10.38
CA VAL A 85 -1.35 3.97 10.96
C VAL A 85 -0.36 3.77 12.09
N PRO A 86 -0.68 4.29 13.30
CA PRO A 86 0.26 4.19 14.44
C PRO A 86 0.70 2.77 14.74
N ALA A 87 -0.20 1.77 14.54
CA ALA A 87 0.10 0.37 14.83
C ALA A 87 1.24 -0.19 13.98
N LEU A 88 1.45 0.40 12.78
CA LEU A 88 2.47 -0.03 11.82
C LEU A 88 3.61 0.97 11.63
N GLY A 89 3.54 2.09 12.32
CA GLY A 89 4.51 3.16 12.19
C GLY A 89 4.38 3.93 10.89
N TYR A 90 3.21 3.90 10.27
CA TYR A 90 3.02 4.64 9.01
C TYR A 90 2.61 6.07 9.36
N LEU A 91 3.47 7.05 9.04
CA LEU A 91 3.19 8.43 9.40
C LEU A 91 2.25 9.09 8.41
N ASP A 92 2.26 8.63 7.15
CA ASP A 92 1.43 9.21 6.10
C ASP A 92 1.19 8.13 5.06
N VAL A 93 -0.08 7.91 4.72
CA VAL A 93 -0.50 6.93 3.72
C VAL A 93 -1.42 7.66 2.76
N ARG A 94 -1.19 7.54 1.46
CA ARG A 94 -2.04 8.21 0.47
C ARG A 94 -2.48 7.19 -0.56
N ILE A 95 -3.79 7.12 -0.83
CA ILE A 95 -4.30 6.25 -1.91
C ILE A 95 -4.10 7.11 -3.15
N VAL A 96 -3.07 6.78 -3.93
CA VAL A 96 -2.67 7.58 -5.10
C VAL A 96 -3.57 7.35 -6.31
N ASP A 97 -3.97 6.10 -6.54
CA ASP A 97 -4.74 5.76 -7.72
C ASP A 97 -5.47 4.48 -7.45
N THR A 98 -6.78 4.44 -7.76
CA THR A 98 -7.50 3.19 -7.64
C THR A 98 -8.70 3.23 -8.54
N ASP A 99 -9.10 2.07 -9.07
CA ASP A 99 -10.33 1.99 -9.83
C ASP A 99 -11.39 1.23 -8.97
N TYR A 100 -11.02 0.89 -7.71
CA TYR A 100 -11.81 0.18 -6.72
C TYR A 100 -12.12 -1.28 -7.08
N SER A 101 -12.24 -1.61 -8.37
CA SER A 101 -12.65 -2.96 -8.80
C SER A 101 -11.47 -3.84 -9.26
N SER A 102 -10.24 -3.29 -9.42
CA SER A 102 -9.14 -4.20 -9.81
C SER A 102 -7.79 -3.83 -9.14
N PHE A 103 -7.50 -2.57 -8.85
CA PHE A 103 -6.19 -2.23 -8.27
C PHE A 103 -6.21 -0.95 -7.46
N ALA A 104 -5.12 -0.72 -6.73
CA ALA A 104 -4.85 0.49 -5.98
C ALA A 104 -3.36 0.63 -5.79
N VAL A 105 -2.90 1.88 -5.85
CA VAL A 105 -1.51 2.21 -5.61
C VAL A 105 -1.50 3.02 -4.32
N LEU A 106 -0.71 2.57 -3.34
CA LEU A 106 -0.60 3.24 -2.05
C LEU A 106 0.77 3.84 -1.87
N TYR A 107 0.83 5.06 -1.37
CA TYR A 107 2.07 5.71 -1.00
C TYR A 107 2.15 5.69 0.51
N ILE A 108 3.31 5.28 1.04
CA ILE A 108 3.49 5.25 2.50
C ILE A 108 4.79 5.93 2.88
N TYR A 109 4.76 6.75 3.91
CA TYR A 109 5.92 7.37 4.54
C TYR A 109 5.93 6.83 5.95
N LYS A 110 7.00 6.11 6.34
CA LYS A 110 6.97 5.41 7.60
C LYS A 110 8.23 5.55 8.43
N GLU A 111 8.10 5.20 9.70
CA GLU A 111 9.19 5.20 10.67
C GLU A 111 9.35 3.75 11.19
N LEU A 112 10.61 3.26 11.25
CA LEU A 112 10.92 1.94 11.74
C LEU A 112 12.23 2.03 12.51
N GLU A 113 12.15 1.88 13.83
CA GLU A 113 13.29 1.96 14.76
C GLU A 113 14.14 3.23 14.45
N GLY A 114 13.44 4.35 14.29
CA GLY A 114 14.02 5.66 14.03
C GLY A 114 14.30 6.00 12.57
N ALA A 115 14.29 5.01 11.66
CA ALA A 115 14.58 5.22 10.23
C ALA A 115 13.31 5.60 9.50
N LEU A 116 13.38 6.68 8.72
CA LEU A 116 12.26 7.16 7.91
C LEU A 116 12.44 6.66 6.49
N SER A 117 11.39 6.12 5.89
CA SER A 117 11.52 5.59 4.54
C SER A 117 10.20 5.72 3.78
N THR A 118 10.29 5.55 2.46
CA THR A 118 9.19 5.64 1.54
C THR A 118 8.87 4.26 1.02
N MET A 119 7.60 3.95 0.94
N MET A 119 7.59 3.89 1.00
CA MET A 119 7.15 2.68 0.41
CA MET A 119 7.12 2.57 0.54
C MET A 119 6.00 2.90 -0.53
C MET A 119 5.91 2.74 -0.39
N VAL A 120 5.93 2.07 -1.57
CA VAL A 120 4.83 2.06 -2.53
C VAL A 120 4.31 0.65 -2.58
N GLN A 121 3.00 0.47 -2.47
CA GLN A 121 2.44 -0.86 -2.59
C GLN A 121 1.41 -0.90 -3.70
N LEU A 122 1.37 -2.03 -4.43
CA LEU A 122 0.34 -2.25 -5.42
C LEU A 122 -0.63 -3.28 -4.86
N TYR A 123 -1.88 -2.89 -4.69
CA TYR A 123 -2.98 -3.75 -4.31
C TYR A 123 -3.66 -4.27 -5.57
N SER A 124 -4.11 -5.52 -5.56
CA SER A 124 -4.90 -6.07 -6.67
C SER A 124 -6.13 -6.76 -6.08
N ARG A 125 -7.28 -6.79 -6.77
CA ARG A 125 -8.46 -7.47 -6.20
C ARG A 125 -8.31 -9.00 -6.24
N THR A 126 -7.34 -9.50 -7.02
CA THR A 126 -7.00 -10.92 -7.17
C THR A 126 -5.49 -11.13 -7.11
N GLN A 127 -5.01 -12.37 -7.19
CA GLN A 127 -3.57 -12.66 -7.15
C GLN A 127 -2.89 -12.26 -8.48
N ASP A 128 -3.68 -12.16 -9.56
CA ASP A 128 -3.14 -11.75 -10.85
C ASP A 128 -3.18 -10.24 -10.99
N VAL A 129 -2.06 -9.68 -11.42
CA VAL A 129 -1.92 -8.24 -11.63
C VAL A 129 -2.21 -7.92 -13.08
N SER A 130 -3.26 -7.13 -13.32
CA SER A 130 -3.62 -6.72 -14.68
C SER A 130 -2.54 -5.81 -15.27
N PRO A 131 -2.39 -5.74 -16.62
CA PRO A 131 -1.41 -4.82 -17.18
C PRO A 131 -1.66 -3.37 -16.78
N GLN A 132 -2.96 -2.95 -16.63
CA GLN A 132 -3.35 -1.60 -16.16
C GLN A 132 -2.86 -1.34 -14.72
N ALA A 133 -2.98 -2.34 -13.84
CA ALA A 133 -2.53 -2.23 -12.46
C ALA A 133 -1.01 -2.04 -12.44
N LEU A 134 -0.30 -2.88 -13.21
CA LEU A 134 1.14 -2.87 -13.28
C LEU A 134 1.66 -1.57 -13.88
N LYS A 135 0.97 -1.05 -14.92
CA LYS A 135 1.37 0.21 -15.57
C LYS A 135 1.28 1.36 -14.57
N SER A 136 0.15 1.49 -13.84
CA SER A 136 -0.03 2.55 -12.84
C SER A 136 1.07 2.51 -11.77
N PHE A 137 1.45 1.32 -11.30
CA PHE A 137 2.49 1.16 -10.29
C PHE A 137 3.88 1.50 -10.87
N GLN A 138 4.24 0.90 -12.02
CA GLN A 138 5.55 1.09 -12.67
C GLN A 138 5.76 2.53 -13.13
N ASP A 139 4.70 3.25 -13.52
CA ASP A 139 4.84 4.66 -13.91
C ASP A 139 5.07 5.52 -12.69
N PHE A 140 4.44 5.14 -11.56
CA PHE A 140 4.49 5.91 -10.31
C PHE A 140 5.77 5.76 -9.48
N TYR A 141 6.16 4.55 -8.98
CA TYR A 141 7.30 4.44 -8.04
C TYR A 141 8.61 5.14 -8.54
N PRO A 142 9.03 5.12 -9.84
CA PRO A 142 10.27 5.82 -10.22
C PRO A 142 10.20 7.34 -10.04
N THR A 143 8.98 7.92 -10.11
CA THR A 143 8.78 9.37 -9.92
C THR A 143 9.21 9.79 -8.51
N LEU A 144 9.28 8.83 -7.54
CA LEU A 144 9.69 9.06 -6.15
C LEU A 144 11.20 8.87 -5.90
N GLY A 145 11.94 8.60 -6.97
CA GLY A 145 13.38 8.38 -6.90
C GLY A 145 13.76 6.96 -6.54
N LEU A 146 12.78 6.03 -6.60
CA LEU A 146 12.97 4.62 -6.29
C LEU A 146 13.34 3.85 -7.55
N PRO A 147 14.59 3.32 -7.64
CA PRO A 147 14.97 2.55 -8.84
C PRO A 147 14.34 1.16 -8.84
N LYS A 148 14.38 0.49 -10.01
CA LYS A 148 13.82 -0.85 -10.23
C LYS A 148 14.41 -1.90 -9.28
N ASP A 149 15.70 -1.73 -8.88
CA ASP A 149 16.39 -2.62 -7.94
C ASP A 149 15.72 -2.59 -6.53
N MET A 150 14.87 -1.56 -6.27
CA MET A 150 14.20 -1.44 -4.97
C MET A 150 12.74 -1.90 -5.07
N MET A 151 12.38 -2.53 -6.21
CA MET A 151 11.06 -3.06 -6.48
C MET A 151 11.07 -4.59 -6.52
N VAL A 152 9.97 -5.21 -6.07
CA VAL A 152 9.75 -6.65 -6.06
C VAL A 152 8.33 -6.96 -6.51
N MET A 153 8.21 -8.00 -7.33
CA MET A 153 6.95 -8.59 -7.76
C MET A 153 6.75 -9.77 -6.85
N LEU A 154 5.72 -9.72 -6.01
CA LEU A 154 5.52 -10.74 -4.99
C LEU A 154 4.92 -12.03 -5.53
N PRO A 155 5.59 -13.17 -5.25
CA PRO A 155 5.02 -14.46 -5.66
C PRO A 155 3.94 -14.93 -4.68
N GLN A 156 3.08 -15.88 -5.10
CA GLN A 156 2.07 -16.47 -4.20
C GLN A 156 2.79 -17.36 -3.18
N SER A 157 2.33 -17.40 -1.90
CA SER A 157 2.98 -18.23 -0.88
C SER A 157 2.64 -19.71 -1.06
#